data_6BIZ
#
_entry.id   6BIZ
#
_cell.length_a   68.185
_cell.length_b   182.599
_cell.length_c   76.838
_cell.angle_alpha   90.00
_cell.angle_beta   90.00
_cell.angle_gamma   90.00
#
_symmetry.space_group_name_H-M   'C 2 2 21'
#
loop_
_entity.id
_entity.type
_entity.pdbx_description
1 polymer 'HLA class II histocompatibility antigen, DR alpha chain'
2 polymer 'HLA class II DR-beta (HLA-DR B)'
3 polymer Histone2B_73,81cit68-82
4 non-polymer 2-acetamido-2-deoxy-beta-D-glucopyranose
5 non-polymer 2-[3-(2-HYDROXY-1,1-DIHYDROXYMETHYL-ETHYLAMINO)-PROPYLAMINO]-2-HYDROXYMETHYL-PROPANE-1,3-DIOL
6 water water
#
loop_
_entity_poly.entity_id
_entity_poly.type
_entity_poly.pdbx_seq_one_letter_code
_entity_poly.pdbx_strand_id
1 'polypeptide(L)'
;IKEEHVIIQAEFYLNPDQSGEFMFDFDGDEIFHVDMAKKETVWRLEEFGRFASFEAQGALANIAVDKANLEIMTKRSNYT
PITNVPPEVTVLTNSPVELREPNVLICFIDKFTPPVVNVTWLRNGKPVTTGVSETVFLPREDHLFRKFHYLPFLPSTEDV
YDCRVEHWGLDEPLLKHWEFDTSGDDDDK
;
A
2 'polypeptide(L)'
;GSGDTRPRFLEQVKHECHFFNGTERVRFLDRYFYHQEEYVRFDSDVGEYRAVTELGRPDAEYWNSQKDLLEQRRAAVDTY
CRHNYGVVESFTVQRRVYPEVTVYPAKTQPLQHHNLLVCSVNGFYPGSIEVRWFRNGQEEKTGVVSTGLIQNGDWTFQTL
VMLETVPRSGEVYTCQVEHPSLTSPLTVEWRATGGDDDDK
;
B
3 'polypeptide(L)' NDIFE(CIR)IASEAS(CIR)LA C
#
# COMPACT_ATOMS: atom_id res chain seq x y z
N GLU A 3 3.91 11.12 -13.01
CA GLU A 3 5.11 10.29 -13.12
C GLU A 3 6.01 10.54 -11.92
N GLU A 4 6.19 11.81 -11.56
CA GLU A 4 6.86 12.12 -10.29
C GLU A 4 6.05 11.58 -9.10
N HIS A 5 4.78 11.98 -8.99
CA HIS A 5 4.01 11.61 -7.81
C HIS A 5 2.52 11.52 -8.14
N VAL A 6 1.81 10.72 -7.33
CA VAL A 6 0.39 10.47 -7.51
C VAL A 6 -0.30 10.55 -6.15
N ILE A 7 -1.35 11.35 -6.06
CA ILE A 7 -2.21 11.41 -4.89
C ILE A 7 -3.58 10.90 -5.31
N ILE A 8 -4.12 9.94 -4.57
CA ILE A 8 -5.40 9.31 -4.90
C ILE A 8 -6.33 9.42 -3.71
N GLN A 9 -7.53 9.96 -3.96
CA GLN A 9 -8.66 9.85 -3.07
C GLN A 9 -9.40 8.59 -3.49
N ALA A 10 -9.26 7.53 -2.71
CA ALA A 10 -9.84 6.23 -3.03
C ALA A 10 -11.03 5.98 -2.12
N GLU A 11 -12.13 5.54 -2.71
CA GLU A 11 -13.35 5.22 -1.98
C GLU A 11 -13.86 3.86 -2.41
N PHE A 12 -14.58 3.18 -1.52
CA PHE A 12 -15.38 2.07 -2.02
C PHE A 12 -16.61 1.87 -1.15
N TYR A 13 -17.57 1.16 -1.71
CA TYR A 13 -18.77 0.77 -0.99
C TYR A 13 -19.10 -0.64 -1.41
N LEU A 14 -19.44 -1.48 -0.43
CA LEU A 14 -19.63 -2.92 -0.65
C LEU A 14 -20.99 -3.35 -0.13
N ASN A 15 -21.82 -3.95 -1.00
CA ASN A 15 -23.06 -4.59 -0.59
C ASN A 15 -22.88 -6.11 -0.59
N PRO A 16 -23.65 -6.86 0.22
CA PRO A 16 -24.68 -6.41 1.18
C PRO A 16 -24.10 -5.99 2.51
N ASP A 17 -22.76 -6.01 2.62
CA ASP A 17 -22.11 -5.69 3.88
C ASP A 17 -22.38 -4.26 4.32
N GLN A 18 -22.73 -3.38 3.38
CA GLN A 18 -22.87 -1.94 3.63
C GLN A 18 -21.62 -1.39 4.31
N SER A 19 -20.48 -1.78 3.74
CA SER A 19 -19.16 -1.40 4.23
C SER A 19 -18.56 -0.36 3.29
N GLY A 20 -18.10 0.75 3.85
CA GLY A 20 -17.57 1.83 3.05
C GLY A 20 -16.18 2.23 3.53
N GLU A 21 -15.45 2.88 2.64
CA GLU A 21 -14.13 3.33 3.01
C GLU A 21 -13.76 4.56 2.20
N PHE A 22 -12.99 5.44 2.83
CA PHE A 22 -12.58 6.70 2.23
C PHE A 22 -11.17 6.96 2.71
N MET A 23 -10.21 7.06 1.80
CA MET A 23 -8.84 7.32 2.22
C MET A 23 -8.09 8.09 1.14
N PHE A 24 -6.93 8.60 1.53
CA PHE A 24 -6.00 9.25 0.64
C PHE A 24 -4.69 8.47 0.67
N ASP A 25 -4.12 8.27 -0.52
CA ASP A 25 -2.89 7.54 -0.77
C ASP A 25 -1.93 8.48 -1.48
N PHE A 26 -0.64 8.38 -1.12
CA PHE A 26 0.42 9.09 -1.83
C PHE A 26 1.45 8.05 -2.22
N ASP A 27 1.65 7.87 -3.53
CA ASP A 27 2.65 6.94 -4.05
C ASP A 27 2.55 5.56 -3.40
N GLY A 28 1.33 5.08 -3.17
CA GLY A 28 1.16 3.77 -2.58
C GLY A 28 1.09 3.69 -1.06
N ASP A 29 1.26 4.81 -0.34
CA ASP A 29 1.17 4.81 1.12
C ASP A 29 -0.05 5.61 1.56
N GLU A 30 -0.71 5.14 2.62
CA GLU A 30 -1.92 5.80 3.11
C GLU A 30 -1.56 7.07 3.87
N ILE A 31 -2.20 8.19 3.54
CA ILE A 31 -2.04 9.41 4.33
C ILE A 31 -3.01 9.42 5.50
N PHE A 32 -4.28 9.23 5.21
CA PHE A 32 -5.28 9.07 6.26
C PHE A 32 -6.45 8.31 5.66
N HIS A 33 -7.32 7.84 6.54
CA HIS A 33 -8.63 7.38 6.18
C HIS A 33 -9.64 8.00 7.14
N VAL A 34 -10.91 7.89 6.82
CA VAL A 34 -11.97 8.42 7.67
C VAL A 34 -12.65 7.24 8.35
N ASP A 35 -12.62 7.22 9.68
CA ASP A 35 -13.42 6.28 10.46
C ASP A 35 -14.89 6.66 10.29
N MET A 36 -15.63 5.86 9.52
CA MET A 36 -16.99 6.23 9.13
C MET A 36 -17.93 6.28 10.33
N ALA A 37 -17.79 5.33 11.25
CA ALA A 37 -18.67 5.27 12.42
C ALA A 37 -18.45 6.49 13.33
N LYS A 38 -17.20 6.81 13.63
CA LYS A 38 -16.91 7.96 14.48
C LYS A 38 -16.92 9.28 13.73
N LYS A 39 -16.94 9.26 12.40
CA LYS A 39 -16.76 10.45 11.57
C LYS A 39 -15.51 11.21 11.96
N GLU A 40 -14.38 10.50 12.03
CA GLU A 40 -13.10 11.10 12.43
C GLU A 40 -12.01 10.79 11.41
N THR A 41 -11.14 11.77 11.17
CA THR A 41 -9.94 11.58 10.38
C THR A 41 -8.89 10.79 11.16
N VAL A 42 -8.39 9.70 10.58
CA VAL A 42 -7.37 8.86 11.21
C VAL A 42 -6.09 8.98 10.38
N TRP A 43 -5.08 9.65 10.93
CA TRP A 43 -3.84 9.86 10.22
C TRP A 43 -2.94 8.64 10.35
N ARG A 44 -2.28 8.26 9.25
CA ARG A 44 -1.52 7.02 9.25
C ARG A 44 -0.29 7.13 10.14
N LEU A 45 0.39 8.29 10.11
CA LEU A 45 1.40 8.68 11.06
C LEU A 45 0.90 9.90 11.82
N GLU A 46 1.15 9.94 13.14
CA GLU A 46 0.63 11.03 13.97
C GLU A 46 1.14 12.38 13.50
N GLU A 47 2.40 12.47 13.07
CA GLU A 47 2.96 13.74 12.60
C GLU A 47 2.13 14.39 11.49
N PHE A 48 1.38 13.59 10.70
CA PHE A 48 0.58 14.15 9.61
C PHE A 48 -0.51 15.09 10.12
N GLY A 49 -1.15 14.72 11.24
CA GLY A 49 -2.26 15.47 11.82
C GLY A 49 -1.86 16.81 12.40
N ARG A 50 -0.57 17.04 12.61
CA ARG A 50 -0.11 18.33 13.07
C ARG A 50 0.22 19.27 11.92
N PHE A 51 0.36 18.75 10.70
CA PHE A 51 0.64 19.56 9.53
C PHE A 51 -0.57 19.83 8.66
N ALA A 52 -1.67 19.08 8.83
CA ALA A 52 -2.82 19.21 7.96
C ALA A 52 -4.07 18.79 8.72
N SER A 53 -5.22 19.12 8.14
CA SER A 53 -6.49 18.65 8.68
C SER A 53 -7.42 18.29 7.53
N PHE A 54 -8.49 17.55 7.85
CA PHE A 54 -9.49 17.15 6.89
C PHE A 54 -10.85 17.08 7.58
N GLU A 55 -11.85 17.68 6.96
CA GLU A 55 -13.22 17.67 7.48
C GLU A 55 -13.84 16.29 7.21
N ALA A 56 -13.75 15.39 8.21
CA ALA A 56 -14.17 14.01 8.01
C ALA A 56 -15.62 13.89 7.56
N GLN A 57 -16.45 14.85 7.95
CA GLN A 57 -17.87 14.80 7.58
C GLN A 57 -18.05 14.75 6.07
N GLY A 58 -17.19 15.42 5.31
CA GLY A 58 -17.33 15.42 3.87
C GLY A 58 -17.17 14.03 3.26
N ALA A 59 -16.41 13.16 3.90
CA ALA A 59 -16.23 11.82 3.37
C ALA A 59 -17.55 11.06 3.31
N LEU A 60 -18.44 11.29 4.28
CA LEU A 60 -19.70 10.56 4.32
C LEU A 60 -20.58 10.88 3.12
N ALA A 61 -20.47 12.11 2.59
CA ALA A 61 -21.25 12.45 1.41
C ALA A 61 -20.79 11.65 0.19
N ASN A 62 -19.48 11.46 0.05
CA ASN A 62 -18.97 10.63 -1.04
C ASN A 62 -19.48 9.20 -0.94
N ILE A 63 -19.45 8.64 0.27
CA ILE A 63 -19.91 7.26 0.45
C ILE A 63 -21.38 7.15 0.09
N ALA A 64 -22.17 8.17 0.44
CA ALA A 64 -23.59 8.12 0.12
C ALA A 64 -23.83 8.13 -1.39
N VAL A 65 -23.05 8.92 -2.13
CA VAL A 65 -23.18 8.88 -3.59
C VAL A 65 -22.71 7.53 -4.11
N ASP A 66 -21.62 7.01 -3.54
CA ASP A 66 -21.08 5.72 -4.00
C ASP A 66 -22.09 4.60 -3.78
N LYS A 67 -22.77 4.61 -2.62
CA LYS A 67 -23.83 3.64 -2.36
C LYS A 67 -24.96 3.76 -3.37
N ALA A 68 -25.37 4.99 -3.69
CA ALA A 68 -26.41 5.17 -4.69
C ALA A 68 -25.95 4.69 -6.07
N ASN A 69 -24.71 5.03 -6.45
CA ASN A 69 -24.18 4.56 -7.73
C ASN A 69 -24.10 3.05 -7.76
N LEU A 70 -23.72 2.43 -6.64
CA LEU A 70 -23.65 0.96 -6.59
C LEU A 70 -25.01 0.34 -6.92
N GLU A 71 -26.09 0.84 -6.31
CA GLU A 71 -27.41 0.29 -6.63
C GLU A 71 -27.70 0.44 -8.12
N ILE A 72 -27.35 1.59 -8.70
CA ILE A 72 -27.57 1.82 -10.12
C ILE A 72 -26.76 0.83 -10.96
N MET A 73 -25.44 0.73 -10.68
CA MET A 73 -24.58 -0.14 -11.48
C MET A 73 -24.94 -1.61 -11.29
N THR A 74 -25.30 -2.00 -10.07
CA THR A 74 -25.69 -3.39 -9.83
C THR A 74 -26.84 -3.76 -10.75
N LYS A 75 -27.85 -2.90 -10.84
CA LYS A 75 -28.98 -3.17 -11.70
C LYS A 75 -28.57 -3.12 -13.18
N ARG A 76 -27.80 -2.10 -13.55
CA ARG A 76 -27.32 -1.99 -14.92
C ARG A 76 -26.58 -3.27 -15.33
N SER A 77 -25.84 -3.88 -14.41
CA SER A 77 -25.09 -5.09 -14.73
C SER A 77 -25.96 -6.35 -14.79
N ASN A 78 -27.27 -6.24 -14.58
CA ASN A 78 -28.13 -7.42 -14.39
C ASN A 78 -27.67 -8.24 -13.18
N TYR A 79 -27.31 -7.53 -12.11
CA TYR A 79 -26.97 -8.15 -10.82
C TYR A 79 -25.80 -9.13 -10.95
N THR A 80 -24.78 -8.73 -11.70
CA THR A 80 -23.59 -9.56 -11.85
C THR A 80 -22.68 -9.32 -10.64
N PRO A 81 -22.46 -10.32 -9.80
CA PRO A 81 -21.68 -10.11 -8.57
C PRO A 81 -20.19 -10.18 -8.82
N ILE A 82 -19.43 -9.84 -7.78
CA ILE A 82 -17.97 -9.87 -7.85
C ILE A 82 -17.48 -11.31 -7.82
N THR A 83 -16.34 -11.55 -8.45
CA THR A 83 -15.64 -12.83 -8.37
C THR A 83 -14.58 -12.69 -7.28
N ASN A 84 -14.62 -13.59 -6.29
CA ASN A 84 -13.63 -13.60 -5.21
C ASN A 84 -12.23 -13.83 -5.79
N VAL A 85 -11.29 -13.03 -5.35
CA VAL A 85 -9.87 -13.24 -5.68
C VAL A 85 -9.16 -13.44 -4.34
N PRO A 86 -8.63 -14.64 -4.06
CA PRO A 86 -8.05 -14.88 -2.73
C PRO A 86 -6.70 -14.18 -2.59
N PRO A 87 -6.28 -13.87 -1.38
CA PRO A 87 -5.02 -13.13 -1.18
C PRO A 87 -3.78 -13.99 -1.24
N GLU A 88 -2.65 -13.34 -1.56
CA GLU A 88 -1.33 -13.85 -1.24
C GLU A 88 -0.90 -13.26 0.09
N VAL A 89 -0.27 -14.07 0.93
CA VAL A 89 0.05 -13.66 2.29
C VAL A 89 1.54 -13.89 2.53
N THR A 90 2.19 -12.91 3.13
CA THR A 90 3.60 -13.00 3.47
C THR A 90 3.78 -12.54 4.90
N VAL A 91 4.63 -13.22 5.65
CA VAL A 91 4.96 -12.83 7.02
C VAL A 91 6.44 -12.44 7.06
N LEU A 92 6.73 -11.23 7.52
CA LEU A 92 8.11 -10.79 7.64
C LEU A 92 8.25 -10.01 8.94
N THR A 93 9.50 -9.70 9.30
CA THR A 93 9.75 -8.84 10.44
C THR A 93 10.19 -7.46 9.97
N ASN A 94 9.98 -6.49 10.85
CA ASN A 94 10.31 -5.09 10.58
C ASN A 94 11.81 -4.87 10.46
N SER A 95 12.63 -5.70 11.11
CA SER A 95 14.07 -5.50 11.14
C SER A 95 14.73 -6.84 11.41
N PRO A 96 16.06 -6.95 11.23
CA PRO A 96 16.74 -8.20 11.57
C PRO A 96 16.39 -8.67 12.99
N VAL A 97 16.26 -9.96 13.13
CA VAL A 97 15.75 -10.52 14.38
C VAL A 97 16.91 -10.75 15.33
N GLU A 98 16.80 -10.23 16.53
CA GLU A 98 17.76 -10.54 17.58
C GLU A 98 16.99 -11.07 18.77
N LEU A 99 17.47 -12.19 19.31
CA LEU A 99 16.91 -12.72 20.55
C LEU A 99 16.78 -11.63 21.59
N ARG A 100 15.59 -11.57 22.20
CA ARG A 100 15.27 -10.68 23.31
C ARG A 100 15.21 -9.20 22.91
N GLU A 101 15.39 -8.86 21.62
CA GLU A 101 15.35 -7.46 21.15
C GLU A 101 14.00 -7.19 20.51
N PRO A 102 13.23 -6.24 21.03
CA PRO A 102 11.86 -6.05 20.53
C PRO A 102 11.83 -5.82 19.03
N ASN A 103 10.77 -6.34 18.39
CA ASN A 103 10.66 -6.35 16.94
C ASN A 103 9.17 -6.39 16.62
N VAL A 104 8.83 -6.41 15.33
CA VAL A 104 7.44 -6.42 14.88
C VAL A 104 7.27 -7.45 13.77
N LEU A 105 6.31 -8.35 13.93
CA LEU A 105 5.90 -9.22 12.83
C LEU A 105 4.90 -8.48 11.95
N ILE A 106 5.12 -8.51 10.64
CA ILE A 106 4.22 -7.90 9.67
C ILE A 106 3.55 -9.00 8.87
N CYS A 107 2.24 -8.95 8.79
CA CYS A 107 1.49 -9.85 7.92
C CYS A 107 0.97 -9.05 6.73
N PHE A 108 1.54 -9.27 5.55
CA PHE A 108 1.16 -8.53 4.34
C PHE A 108 0.15 -9.37 3.56
N ILE A 109 -1.06 -8.84 3.40
CA ILE A 109 -2.13 -9.55 2.71
C ILE A 109 -2.40 -8.80 1.41
N ASP A 110 -2.26 -9.47 0.27
CA ASP A 110 -2.10 -8.79 -1.01
C ASP A 110 -2.98 -9.42 -2.09
N LYS A 111 -3.44 -8.57 -3.01
CA LYS A 111 -4.05 -8.99 -4.28
C LYS A 111 -5.36 -9.74 -4.06
N PHE A 112 -6.25 -9.16 -3.26
CA PHE A 112 -7.50 -9.86 -3.01
C PHE A 112 -8.68 -8.92 -3.19
N THR A 113 -9.84 -9.54 -3.38
CA THR A 113 -11.10 -8.84 -3.46
C THR A 113 -12.19 -9.87 -3.27
N PRO A 114 -13.34 -9.50 -2.67
CA PRO A 114 -13.71 -8.20 -2.11
C PRO A 114 -12.90 -7.84 -0.85
N PRO A 115 -12.93 -6.56 -0.46
CA PRO A 115 -12.17 -6.12 0.73
C PRO A 115 -12.85 -6.53 2.04
N VAL A 116 -12.86 -7.83 2.28
CA VAL A 116 -13.36 -8.45 3.51
C VAL A 116 -12.41 -9.59 3.84
N VAL A 117 -11.84 -9.57 5.04
CA VAL A 117 -10.83 -10.54 5.44
C VAL A 117 -10.90 -10.68 6.96
N ASN A 118 -10.64 -11.89 7.45
CA ASN A 118 -10.45 -12.15 8.88
C ASN A 118 -9.00 -12.56 9.09
N VAL A 119 -8.29 -11.86 9.96
CA VAL A 119 -6.86 -12.07 10.19
C VAL A 119 -6.65 -12.31 11.67
N THR A 120 -5.92 -13.38 12.01
CA THR A 120 -5.57 -13.68 13.39
C THR A 120 -4.08 -13.98 13.47
N TRP A 121 -3.43 -13.38 14.46
CA TRP A 121 -2.08 -13.76 14.83
C TRP A 121 -2.15 -14.91 15.83
N LEU A 122 -1.34 -15.94 15.62
CA LEU A 122 -1.25 -17.06 16.54
C LEU A 122 0.17 -17.15 17.06
N ARG A 123 0.31 -17.33 18.37
CA ARG A 123 1.59 -17.69 18.97
C ARG A 123 1.44 -19.07 19.61
N ASN A 124 2.29 -20.00 19.18
CA ASN A 124 2.20 -21.38 19.64
C ASN A 124 0.78 -21.90 19.46
N GLY A 125 0.15 -21.53 18.34
CA GLY A 125 -1.16 -22.00 18.00
C GLY A 125 -2.32 -21.34 18.72
N LYS A 126 -2.06 -20.32 19.56
CA LYS A 126 -3.15 -19.66 20.26
C LYS A 126 -3.28 -18.21 19.82
N PRO A 127 -4.51 -17.71 19.66
CA PRO A 127 -4.67 -16.31 19.21
C PRO A 127 -4.06 -15.33 20.20
N VAL A 128 -3.32 -14.36 19.66
CA VAL A 128 -2.77 -13.25 20.44
C VAL A 128 -3.45 -11.97 19.98
N THR A 129 -3.82 -11.13 20.95
CA THR A 129 -4.44 -9.85 20.67
C THR A 129 -3.66 -8.67 21.19
N THR A 130 -2.77 -8.88 22.17
CA THR A 130 -2.12 -7.77 22.84
C THR A 130 -1.14 -7.07 21.91
N GLY A 131 -1.35 -5.79 21.69
CA GLY A 131 -0.43 -4.95 20.95
C GLY A 131 -0.64 -4.91 19.45
N VAL A 132 -1.60 -5.67 18.92
CA VAL A 132 -1.71 -5.81 17.47
C VAL A 132 -2.35 -4.55 16.87
N SER A 133 -2.02 -4.31 15.61
CA SER A 133 -2.66 -3.25 14.85
C SER A 133 -2.76 -3.69 13.40
N GLU A 134 -3.43 -2.85 12.61
CA GLU A 134 -3.74 -3.18 11.23
C GLU A 134 -4.05 -1.92 10.46
N THR A 135 -3.85 -1.98 9.16
CA THR A 135 -4.32 -0.90 8.29
C THR A 135 -5.72 -1.21 7.80
N VAL A 136 -6.34 -0.20 7.20
CA VAL A 136 -7.55 -0.39 6.41
C VAL A 136 -7.17 -1.10 5.11
N PHE A 137 -8.15 -1.32 4.24
CA PHE A 137 -7.86 -1.93 2.96
C PHE A 137 -7.24 -0.90 2.04
N LEU A 138 -6.09 -1.21 1.50
CA LEU A 138 -5.37 -0.27 0.67
C LEU A 138 -5.57 -0.60 -0.81
N PRO A 139 -5.76 0.38 -1.67
CA PRO A 139 -6.06 0.09 -3.06
C PRO A 139 -4.80 -0.24 -3.86
N ARG A 140 -4.98 -1.13 -4.83
CA ARG A 140 -3.91 -1.47 -5.76
C ARG A 140 -4.24 -0.87 -7.12
N GLU A 141 -3.20 -0.74 -7.94
CA GLU A 141 -3.39 -0.23 -9.30
C GLU A 141 -4.20 -1.17 -10.19
N ASP A 142 -4.22 -2.47 -9.89
CA ASP A 142 -5.12 -3.38 -10.58
C ASP A 142 -6.49 -3.47 -9.90
N HIS A 143 -6.77 -2.58 -8.94
CA HIS A 143 -8.09 -2.41 -8.32
C HIS A 143 -8.51 -3.59 -7.46
N LEU A 144 -7.57 -4.46 -7.12
CA LEU A 144 -7.69 -5.35 -5.97
C LEU A 144 -7.22 -4.57 -4.74
N PHE A 145 -7.02 -5.26 -3.63
CA PHE A 145 -6.72 -4.61 -2.36
C PHE A 145 -5.53 -5.26 -1.69
N ARG A 146 -4.89 -4.52 -0.79
CA ARG A 146 -3.90 -5.10 0.09
C ARG A 146 -4.09 -4.53 1.49
N LYS A 147 -3.39 -5.12 2.45
CA LYS A 147 -3.64 -4.84 3.86
C LYS A 147 -2.44 -5.31 4.67
N PHE A 148 -2.18 -4.62 5.77
CA PHE A 148 -1.10 -4.99 6.69
C PHE A 148 -1.66 -5.23 8.08
N HIS A 149 -1.15 -6.28 8.73
CA HIS A 149 -1.39 -6.51 10.15
C HIS A 149 -0.05 -6.60 10.87
N TYR A 150 0.02 -6.07 12.09
CA TYR A 150 1.27 -5.97 12.81
C TYR A 150 1.16 -6.60 14.20
N LEU A 151 2.27 -7.19 14.66
CA LEU A 151 2.35 -7.82 15.97
C LEU A 151 3.72 -7.53 16.56
N PRO A 152 3.82 -6.55 17.48
CA PRO A 152 5.06 -6.38 18.25
C PRO A 152 5.35 -7.64 19.05
N PHE A 153 6.63 -7.99 19.15
CA PHE A 153 6.94 -9.21 19.87
C PHE A 153 8.40 -9.19 20.31
N LEU A 154 8.70 -10.09 21.24
CA LEU A 154 10.04 -10.32 21.76
C LEU A 154 10.57 -11.64 21.23
N PRO A 155 11.55 -11.64 20.32
CA PRO A 155 12.00 -12.89 19.71
C PRO A 155 12.63 -13.84 20.72
N SER A 156 12.16 -15.08 20.72
CA SER A 156 12.73 -16.16 21.52
C SER A 156 12.85 -17.40 20.66
N THR A 157 13.59 -18.39 21.17
CA THR A 157 13.60 -19.71 20.57
C THR A 157 12.37 -20.53 20.94
N GLU A 158 11.58 -20.05 21.89
CA GLU A 158 10.48 -20.81 22.48
C GLU A 158 9.13 -20.58 21.81
N ASP A 159 9.03 -19.62 20.90
CA ASP A 159 7.74 -19.24 20.35
C ASP A 159 7.75 -19.39 18.84
N VAL A 160 6.64 -19.90 18.30
CA VAL A 160 6.41 -19.85 16.86
C VAL A 160 5.17 -19.00 16.62
N TYR A 161 5.10 -18.40 15.44
CA TYR A 161 4.00 -17.52 15.09
C TYR A 161 3.38 -17.95 13.78
N ASP A 162 2.12 -17.56 13.59
CA ASP A 162 1.40 -17.71 12.35
C ASP A 162 0.50 -16.51 12.17
N CYS A 163 0.41 -16.03 10.95
CA CYS A 163 -0.68 -15.16 10.55
C CYS A 163 -1.72 -16.02 9.87
N ARG A 164 -2.96 -16.02 10.37
CA ARG A 164 -4.03 -16.82 9.78
C ARG A 164 -5.02 -15.91 9.09
N VAL A 165 -5.24 -16.15 7.80
CA VAL A 165 -6.07 -15.28 6.97
C VAL A 165 -7.24 -16.08 6.45
N GLU A 166 -8.46 -15.58 6.65
CA GLU A 166 -9.64 -16.16 6.03
C GLU A 166 -10.24 -15.16 5.06
N HIS A 167 -10.62 -15.66 3.89
CA HIS A 167 -11.19 -14.85 2.82
C HIS A 167 -12.11 -15.73 2.00
N TRP A 168 -13.22 -15.15 1.50
CA TRP A 168 -14.19 -15.98 0.78
C TRP A 168 -13.61 -16.64 -0.47
N GLY A 169 -12.50 -16.13 -1.00
CA GLY A 169 -11.89 -16.86 -2.10
C GLY A 169 -11.02 -18.04 -1.70
N LEU A 170 -10.77 -18.23 -0.41
CA LEU A 170 -9.95 -19.33 0.08
C LEU A 170 -10.84 -20.51 0.46
N ASP A 171 -10.40 -21.71 0.09
CA ASP A 171 -11.13 -22.92 0.46
C ASP A 171 -10.90 -23.27 1.92
N GLU A 172 -9.67 -23.14 2.41
CA GLU A 172 -9.30 -23.31 3.81
C GLU A 172 -8.58 -22.05 4.27
N PRO A 173 -8.55 -21.79 5.59
CA PRO A 173 -7.76 -20.66 6.07
C PRO A 173 -6.29 -20.80 5.67
N LEU A 174 -5.68 -19.67 5.36
CA LEU A 174 -4.27 -19.62 4.98
C LEU A 174 -3.45 -19.27 6.23
N LEU A 175 -2.47 -20.10 6.54
CA LEU A 175 -1.60 -19.91 7.70
C LEU A 175 -0.18 -19.73 7.21
N LYS A 176 0.43 -18.60 7.55
CA LYS A 176 1.78 -18.28 7.12
C LYS A 176 2.65 -18.20 8.35
N HIS A 177 3.70 -19.01 8.38
CA HIS A 177 4.47 -19.34 9.56
C HIS A 177 5.70 -18.44 9.70
N TRP A 178 6.10 -18.22 10.96
CA TRP A 178 7.38 -17.57 11.24
C TRP A 178 7.95 -18.13 12.54
N GLU A 179 9.26 -18.41 12.52
CA GLU A 179 9.97 -18.75 13.76
C GLU A 179 11.42 -18.28 13.66
N PHE A 180 12.03 -18.12 14.83
CA PHE A 180 13.45 -17.78 14.90
C PHE A 180 14.30 -18.83 14.18
N ASP A 181 15.12 -18.38 13.24
CA ASP A 181 15.96 -19.28 12.43
C ASP A 181 16.98 -20.06 13.28
N ASP B 4 -20.59 -17.77 4.62
CA ASP B 4 -21.35 -16.71 3.97
C ASP B 4 -21.07 -16.64 2.47
N THR B 5 -22.01 -17.12 1.67
CA THR B 5 -21.85 -17.10 0.22
C THR B 5 -22.87 -16.19 -0.48
N ARG B 6 -23.46 -15.23 0.25
CA ARG B 6 -24.28 -14.23 -0.43
C ARG B 6 -23.43 -13.49 -1.46
N PRO B 7 -23.98 -13.17 -2.63
CA PRO B 7 -23.19 -12.44 -3.63
C PRO B 7 -22.84 -11.04 -3.16
N ARG B 8 -21.63 -10.59 -3.52
CA ARG B 8 -21.14 -9.26 -3.17
C ARG B 8 -21.11 -8.36 -4.41
N PHE B 9 -21.31 -7.07 -4.17
CA PHE B 9 -21.25 -6.04 -5.21
C PHE B 9 -20.42 -4.87 -4.70
N LEU B 10 -19.46 -4.43 -5.51
CA LEU B 10 -18.46 -3.46 -5.10
C LEU B 10 -18.42 -2.27 -6.05
N GLU B 11 -18.51 -1.07 -5.50
CA GLU B 11 -18.27 0.15 -6.27
C GLU B 11 -16.97 0.75 -5.75
N GLN B 12 -16.12 1.23 -6.66
CA GLN B 12 -14.92 1.94 -6.26
C GLN B 12 -14.87 3.24 -7.05
N VAL B 13 -14.29 4.26 -6.42
CA VAL B 13 -13.97 5.52 -7.09
C VAL B 13 -12.54 5.86 -6.71
N LYS B 14 -11.75 6.29 -7.69
CA LYS B 14 -10.40 6.77 -7.48
C LYS B 14 -10.28 8.12 -8.18
N HIS B 15 -10.10 9.18 -7.39
CA HIS B 15 -9.84 10.52 -7.89
C HIS B 15 -8.34 10.70 -7.81
N GLU B 16 -7.68 10.66 -8.96
CA GLU B 16 -6.24 10.60 -9.04
C GLU B 16 -5.70 11.93 -9.55
N CYS B 17 -4.64 12.39 -8.90
CA CYS B 17 -3.89 13.59 -9.28
C CYS B 17 -2.48 13.16 -9.59
N HIS B 18 -2.07 13.33 -10.85
CA HIS B 18 -0.74 12.93 -11.31
C HIS B 18 0.11 14.19 -11.49
N PHE B 19 1.26 14.23 -10.82
CA PHE B 19 2.13 15.40 -10.82
C PHE B 19 3.46 15.09 -11.51
N PHE B 20 3.84 15.94 -12.45
CA PHE B 20 5.12 15.85 -13.14
C PHE B 20 5.87 17.15 -12.87
N ASN B 21 7.07 17.05 -12.28
CA ASN B 21 7.86 18.21 -11.89
C ASN B 21 7.05 19.09 -10.93
N GLY B 22 6.62 18.49 -9.84
CA GLY B 22 5.81 19.21 -8.87
C GLY B 22 4.46 19.56 -9.49
N THR B 23 4.09 20.83 -9.37
CA THR B 23 2.82 21.30 -9.93
C THR B 23 2.98 21.94 -11.29
N GLU B 24 4.12 21.77 -11.95
CA GLU B 24 4.33 22.31 -13.29
C GLU B 24 3.36 21.68 -14.29
N ARG B 25 3.27 20.35 -14.31
CA ARG B 25 2.31 19.64 -15.14
C ARG B 25 1.49 18.70 -14.25
N VAL B 26 0.16 18.83 -14.33
CA VAL B 26 -0.73 18.07 -13.47
C VAL B 26 -1.83 17.48 -14.34
N ARG B 27 -2.11 16.20 -14.14
CA ARG B 27 -3.18 15.50 -14.84
C ARG B 27 -4.13 14.90 -13.81
N PHE B 28 -5.42 15.19 -13.95
CA PHE B 28 -6.46 14.74 -13.03
C PHE B 28 -7.26 13.64 -13.70
N LEU B 29 -7.41 12.51 -13.01
CA LEU B 29 -8.16 11.36 -13.49
C LEU B 29 -9.23 11.00 -12.46
N ASP B 30 -10.50 11.04 -12.89
CA ASP B 30 -11.68 10.71 -12.09
C ASP B 30 -12.18 9.36 -12.61
N ARG B 31 -11.95 8.28 -11.86
CA ARG B 31 -12.18 6.93 -12.36
C ARG B 31 -13.23 6.20 -11.51
N TYR B 32 -14.15 5.52 -12.18
CA TYR B 32 -15.27 4.84 -11.54
C TYR B 32 -15.22 3.36 -11.90
N PHE B 33 -15.40 2.49 -10.90
CA PHE B 33 -15.22 1.05 -11.07
C PHE B 33 -16.42 0.28 -10.54
N TYR B 34 -16.76 -0.80 -11.23
CA TYR B 34 -17.75 -1.76 -10.76
C TYR B 34 -17.01 -3.08 -10.60
N HIS B 35 -16.88 -3.55 -9.34
CA HIS B 35 -15.93 -4.58 -8.94
C HIS B 35 -14.50 -4.11 -9.26
N GLN B 36 -13.83 -4.73 -10.24
CA GLN B 36 -12.53 -4.21 -10.71
C GLN B 36 -12.61 -3.48 -12.04
N GLU B 37 -13.79 -3.33 -12.63
CA GLU B 37 -13.92 -2.90 -14.01
C GLU B 37 -14.15 -1.39 -14.02
N GLU B 38 -13.16 -0.65 -14.48
CA GLU B 38 -13.35 0.78 -14.75
C GLU B 38 -14.37 0.93 -15.87
N TYR B 39 -15.45 1.69 -15.62
CA TYR B 39 -16.50 1.80 -16.63
C TYR B 39 -16.66 3.19 -17.21
N VAL B 40 -16.22 4.23 -16.49
CA VAL B 40 -16.29 5.60 -16.98
C VAL B 40 -15.17 6.37 -16.30
N ARG B 41 -14.63 7.37 -17.01
CA ARG B 41 -13.59 8.20 -16.42
C ARG B 41 -13.67 9.62 -16.95
N PHE B 42 -13.18 10.56 -16.13
CA PHE B 42 -12.92 11.93 -16.56
C PHE B 42 -11.41 12.10 -16.56
N ASP B 43 -10.87 12.51 -17.69
CA ASP B 43 -9.45 12.74 -17.86
C ASP B 43 -9.27 14.23 -18.15
N SER B 44 -8.49 14.93 -17.32
CA SER B 44 -8.30 16.35 -17.58
C SER B 44 -7.64 16.62 -18.94
N ASP B 45 -6.95 15.62 -19.52
CA ASP B 45 -6.45 15.73 -20.90
C ASP B 45 -7.58 15.82 -21.93
N VAL B 46 -8.77 15.34 -21.60
CA VAL B 46 -9.88 15.34 -22.52
C VAL B 46 -10.87 16.45 -22.20
N GLY B 47 -11.21 16.64 -20.93
CA GLY B 47 -12.16 17.67 -20.52
C GLY B 47 -13.60 17.23 -20.51
N GLU B 48 -13.85 15.94 -20.74
CA GLU B 48 -15.20 15.35 -20.71
C GLU B 48 -15.06 13.92 -20.21
N TYR B 49 -16.18 13.37 -19.73
CA TYR B 49 -16.22 11.95 -19.39
C TYR B 49 -16.19 11.11 -20.65
N ARG B 50 -15.57 9.94 -20.54
CA ARG B 50 -15.61 8.92 -21.59
C ARG B 50 -15.90 7.58 -20.94
N ALA B 51 -16.79 6.83 -21.58
CA ALA B 51 -17.08 5.47 -21.18
C ALA B 51 -15.85 4.61 -21.46
N VAL B 52 -15.42 3.82 -20.48
CA VAL B 52 -14.32 2.90 -20.70
C VAL B 52 -14.85 1.54 -21.16
N THR B 53 -16.04 1.18 -20.72
CA THR B 53 -16.78 0.02 -21.21
C THR B 53 -18.20 0.46 -21.48
N GLU B 54 -18.96 -0.42 -22.15
CA GLU B 54 -20.36 -0.13 -22.46
C GLU B 54 -21.16 0.13 -21.19
N LEU B 55 -20.80 -0.53 -20.09
CA LEU B 55 -21.43 -0.28 -18.80
C LEU B 55 -21.50 1.20 -18.45
N GLY B 56 -20.50 2.00 -18.84
CA GLY B 56 -20.47 3.40 -18.44
C GLY B 56 -21.00 4.40 -19.46
N ARG B 57 -21.51 3.94 -20.60
CA ARG B 57 -22.01 4.88 -21.61
C ARG B 57 -23.15 5.76 -21.10
N PRO B 58 -24.13 5.27 -20.35
CA PRO B 58 -25.16 6.20 -19.83
C PRO B 58 -24.57 7.28 -18.93
N ASP B 59 -23.53 6.99 -18.15
CA ASP B 59 -22.97 8.02 -17.28
C ASP B 59 -22.24 9.10 -18.08
N ALA B 60 -21.38 8.71 -19.03
CA ALA B 60 -20.71 9.70 -19.87
C ALA B 60 -21.72 10.61 -20.57
N GLU B 61 -22.71 10.00 -21.22
CA GLU B 61 -23.72 10.79 -21.91
C GLU B 61 -24.42 11.74 -20.94
N TYR B 62 -24.86 11.23 -19.79
CA TYR B 62 -25.61 12.08 -18.86
C TYR B 62 -24.72 13.18 -18.29
N TRP B 63 -23.54 12.83 -17.75
CA TRP B 63 -22.70 13.83 -17.12
C TRP B 63 -22.20 14.86 -18.12
N ASN B 64 -21.89 14.43 -19.35
CA ASN B 64 -21.39 15.34 -20.36
C ASN B 64 -22.44 16.32 -20.86
N SER B 65 -23.72 16.07 -20.59
CA SER B 65 -24.77 17.03 -20.87
C SER B 65 -24.86 18.13 -19.82
N GLN B 66 -24.17 17.99 -18.68
CA GLN B 66 -24.29 18.94 -17.57
C GLN B 66 -23.03 19.80 -17.54
N LYS B 67 -23.08 20.95 -18.23
CA LYS B 67 -21.90 21.80 -18.34
C LYS B 67 -21.34 22.21 -16.97
N ASP B 68 -22.21 22.42 -15.98
CA ASP B 68 -21.72 22.83 -14.66
C ASP B 68 -20.94 21.71 -13.98
N LEU B 69 -21.40 20.46 -14.09
CA LEU B 69 -20.60 19.33 -13.62
C LEU B 69 -19.23 19.29 -14.32
N LEU B 70 -19.22 19.46 -15.65
CA LEU B 70 -17.96 19.41 -16.40
C LEU B 70 -17.01 20.51 -15.95
N GLU B 71 -17.54 21.71 -15.72
CA GLU B 71 -16.64 22.80 -15.34
C GLU B 71 -16.06 22.56 -13.94
N GLN B 72 -16.79 21.88 -13.05
CA GLN B 72 -16.18 21.47 -11.78
C GLN B 72 -15.02 20.52 -12.00
N ARG B 73 -15.20 19.56 -12.91
CA ARG B 73 -14.13 18.60 -13.17
C ARG B 73 -12.96 19.26 -13.87
N ARG B 74 -13.24 20.22 -14.76
CA ARG B 74 -12.17 20.88 -15.51
C ARG B 74 -11.33 21.79 -14.62
N ALA B 75 -11.91 22.30 -13.54
CA ALA B 75 -11.15 23.10 -12.58
C ALA B 75 -10.34 22.27 -11.59
N ALA B 76 -10.57 20.96 -11.49
CA ALA B 76 -9.97 20.16 -10.42
C ALA B 76 -8.44 20.17 -10.44
N VAL B 77 -7.81 20.24 -11.62
CA VAL B 77 -6.33 20.29 -11.64
C VAL B 77 -5.82 21.43 -10.76
N ASP B 78 -6.55 22.54 -10.72
CA ASP B 78 -6.19 23.70 -9.92
C ASP B 78 -6.78 23.66 -8.52
N THR B 79 -8.10 23.51 -8.41
CA THR B 79 -8.77 23.67 -7.14
C THR B 79 -8.58 22.47 -6.21
N TYR B 80 -8.20 21.31 -6.73
CA TYR B 80 -8.11 20.08 -5.96
C TYR B 80 -6.70 19.49 -5.98
N CYS B 81 -6.21 19.13 -7.16
CA CYS B 81 -4.87 18.57 -7.29
C CYS B 81 -3.80 19.54 -6.79
N ARG B 82 -3.71 20.73 -7.41
CA ARG B 82 -2.64 21.64 -7.02
C ARG B 82 -2.81 22.07 -5.57
N HIS B 83 -4.05 22.22 -5.11
CA HIS B 83 -4.26 22.62 -3.73
C HIS B 83 -3.72 21.57 -2.76
N ASN B 84 -4.10 20.31 -2.98
CA ASN B 84 -3.70 19.26 -2.04
C ASN B 84 -2.22 18.97 -2.10
N TYR B 85 -1.61 19.15 -3.28
CA TYR B 85 -0.17 19.04 -3.34
C TYR B 85 0.48 20.03 -2.38
N GLY B 86 -0.01 21.27 -2.36
CA GLY B 86 0.52 22.25 -1.44
C GLY B 86 0.37 21.84 0.01
N VAL B 87 -0.76 21.21 0.34
CA VAL B 87 -1.00 20.80 1.72
C VAL B 87 0.01 19.75 2.19
N VAL B 88 0.32 18.77 1.35
CA VAL B 88 1.04 17.59 1.80
C VAL B 88 2.52 17.59 1.45
N GLU B 89 2.95 18.40 0.50
CA GLU B 89 4.24 18.19 -0.13
C GLU B 89 5.40 18.15 0.86
N SER B 90 5.29 18.86 1.99
CA SER B 90 6.44 18.96 2.91
C SER B 90 6.70 17.65 3.66
N PHE B 91 5.68 16.85 3.93
CA PHE B 91 5.87 15.59 4.65
C PHE B 91 5.60 14.37 3.78
N THR B 92 5.52 14.53 2.45
CA THR B 92 5.37 13.42 1.54
C THR B 92 6.42 13.50 0.45
N VAL B 93 6.25 14.45 -0.49
CA VAL B 93 7.21 14.64 -1.57
C VAL B 93 8.62 14.81 -1.02
N GLN B 94 8.74 15.48 0.12
CA GLN B 94 10.02 15.81 0.71
C GLN B 94 10.40 14.93 1.88
N ARG B 95 9.55 13.95 2.23
CA ARG B 95 9.91 12.98 3.27
C ARG B 95 11.18 12.21 2.88
N ARG B 96 12.08 12.06 3.84
CA ARG B 96 13.40 11.47 3.62
C ARG B 96 13.78 10.73 4.89
N VAL B 97 13.92 9.41 4.79
CA VAL B 97 14.29 8.57 5.93
C VAL B 97 15.41 7.66 5.46
N TYR B 98 16.58 7.78 6.09
CA TYR B 98 17.71 6.97 5.62
C TYR B 98 17.61 5.56 6.19
N PRO B 99 18.25 4.61 5.53
CA PRO B 99 18.17 3.20 5.96
C PRO B 99 19.13 2.87 7.09
N GLU B 100 18.70 1.93 7.93
CA GLU B 100 19.62 1.19 8.80
C GLU B 100 20.14 0.00 8.01
N VAL B 101 21.45 -0.19 8.00
CA VAL B 101 22.06 -1.23 7.18
C VAL B 101 22.74 -2.21 8.12
N THR B 102 22.36 -3.49 8.00
CA THR B 102 22.90 -4.61 8.76
C THR B 102 23.46 -5.64 7.77
N VAL B 103 24.59 -6.25 8.12
CA VAL B 103 25.11 -7.39 7.37
C VAL B 103 25.22 -8.58 8.33
N TYR B 104 24.53 -9.66 8.00
CA TYR B 104 24.60 -10.88 8.79
C TYR B 104 24.73 -12.09 7.87
N PRO B 105 25.37 -13.16 8.33
CA PRO B 105 25.58 -14.34 7.50
C PRO B 105 24.45 -15.35 7.65
N ALA B 106 24.34 -16.22 6.64
CA ALA B 106 23.22 -17.16 6.57
C ALA B 106 23.64 -18.37 5.74
N LYS B 107 22.68 -19.27 5.46
CA LYS B 107 22.93 -20.51 4.72
C LYS B 107 21.84 -20.75 3.67
N THR B 108 22.26 -21.04 2.43
CA THR B 108 21.31 -21.33 1.36
C THR B 108 20.44 -22.53 1.71
N GLN B 109 21.05 -23.53 2.33
CA GLN B 109 20.39 -24.72 2.83
C GLN B 109 21.11 -25.12 4.10
N PRO B 110 20.51 -26.01 4.92
CA PRO B 110 21.25 -26.51 6.09
C PRO B 110 22.62 -27.04 5.67
N LEU B 111 23.66 -26.30 6.02
CA LEU B 111 25.01 -26.62 5.63
C LEU B 111 25.92 -26.42 6.82
N GLN B 112 27.19 -26.75 6.63
CA GLN B 112 28.14 -26.61 7.73
C GLN B 112 28.55 -25.14 7.90
N HIS B 113 28.88 -24.47 6.80
CA HIS B 113 29.42 -23.12 6.83
C HIS B 113 28.43 -22.15 6.22
N HIS B 114 28.38 -20.94 6.80
CA HIS B 114 27.69 -19.82 6.17
C HIS B 114 28.17 -19.64 4.75
N ASN B 115 27.23 -19.58 3.81
CA ASN B 115 27.55 -19.37 2.40
C ASN B 115 26.69 -18.26 1.79
N LEU B 116 26.07 -17.44 2.64
CA LEU B 116 25.20 -16.35 2.20
C LEU B 116 25.51 -15.14 3.08
N LEU B 117 25.76 -13.99 2.47
CA LEU B 117 25.89 -12.75 3.21
C LEU B 117 24.68 -11.90 2.94
N VAL B 118 23.91 -11.59 3.98
CA VAL B 118 22.67 -10.82 3.87
C VAL B 118 22.96 -9.37 4.23
N CYS B 119 22.74 -8.47 3.28
CA CYS B 119 22.74 -7.04 3.55
C CYS B 119 21.30 -6.58 3.72
N SER B 120 20.92 -6.34 4.97
CA SER B 120 19.57 -5.96 5.32
C SER B 120 19.50 -4.44 5.41
N VAL B 121 18.61 -3.85 4.63
CA VAL B 121 18.46 -2.39 4.50
C VAL B 121 17.04 -2.07 4.94
N ASN B 122 16.90 -1.36 6.07
CA ASN B 122 15.62 -1.26 6.75
C ASN B 122 15.19 0.17 7.03
N GLY B 123 13.89 0.41 6.93
CA GLY B 123 13.30 1.63 7.45
C GLY B 123 13.40 2.87 6.60
N PHE B 124 13.73 2.75 5.30
CA PHE B 124 14.03 3.91 4.49
C PHE B 124 12.80 4.40 3.74
N TYR B 125 12.86 5.67 3.29
CA TYR B 125 11.81 6.31 2.47
C TYR B 125 12.48 7.44 1.70
N PRO B 126 12.23 7.57 0.38
CA PRO B 126 11.28 6.79 -0.41
C PRO B 126 11.86 5.49 -0.95
N GLY B 127 11.19 4.89 -1.94
CA GLY B 127 11.47 3.51 -2.26
C GLY B 127 12.73 3.27 -3.06
N SER B 128 13.12 4.18 -3.94
CA SER B 128 14.24 3.93 -4.84
C SER B 128 15.55 3.82 -4.06
N ILE B 129 16.27 2.73 -4.29
CA ILE B 129 17.50 2.47 -3.55
C ILE B 129 18.38 1.61 -4.44
N GLU B 130 19.69 1.73 -4.24
CA GLU B 130 20.66 0.91 -4.96
C GLU B 130 21.58 0.26 -3.93
N VAL B 131 21.67 -1.06 -3.98
CA VAL B 131 22.47 -1.83 -3.03
C VAL B 131 23.41 -2.71 -3.84
N ARG B 132 24.70 -2.59 -3.57
CA ARG B 132 25.72 -3.35 -4.30
C ARG B 132 26.69 -4.01 -3.34
N TRP B 133 27.23 -5.16 -3.76
CA TRP B 133 28.17 -5.95 -2.98
C TRP B 133 29.57 -5.84 -3.56
N PHE B 134 30.56 -5.71 -2.69
CA PHE B 134 31.96 -5.63 -3.09
C PHE B 134 32.77 -6.66 -2.32
N ARG B 135 33.72 -7.30 -3.02
CA ARG B 135 34.70 -8.18 -2.39
C ARG B 135 36.07 -7.62 -2.68
N ASN B 136 36.82 -7.31 -1.63
CA ASN B 136 38.15 -6.69 -1.75
C ASN B 136 38.14 -5.55 -2.76
N GLY B 137 37.06 -4.74 -2.73
CA GLY B 137 36.98 -3.53 -3.52
C GLY B 137 36.45 -3.67 -4.94
N GLN B 138 36.24 -4.88 -5.44
CA GLN B 138 35.63 -5.09 -6.75
C GLN B 138 34.17 -5.50 -6.59
N GLU B 139 33.31 -4.93 -7.42
CA GLU B 139 31.90 -5.24 -7.24
C GLU B 139 31.65 -6.71 -7.57
N GLU B 140 30.89 -7.38 -6.71
CA GLU B 140 30.45 -8.74 -6.95
C GLU B 140 29.06 -8.67 -7.57
N LYS B 141 28.96 -9.00 -8.86
CA LYS B 141 27.67 -8.97 -9.54
C LYS B 141 27.04 -10.36 -9.68
N THR B 142 27.82 -11.43 -9.55
CA THR B 142 27.29 -12.78 -9.70
C THR B 142 26.78 -13.32 -8.37
N GLY B 143 25.73 -14.13 -8.44
CA GLY B 143 25.21 -14.72 -7.22
C GLY B 143 24.59 -13.73 -6.27
N VAL B 144 24.01 -12.65 -6.79
CA VAL B 144 23.29 -11.68 -5.98
C VAL B 144 21.80 -11.88 -6.17
N VAL B 145 21.07 -11.99 -5.07
CA VAL B 145 19.63 -12.20 -5.12
C VAL B 145 19.03 -11.37 -3.99
N SER B 146 17.76 -11.00 -4.16
CA SER B 146 17.15 -10.01 -3.28
C SER B 146 15.68 -10.30 -3.08
N THR B 147 15.14 -9.81 -1.97
CA THR B 147 13.69 -9.79 -1.79
C THR B 147 13.01 -8.84 -2.77
N GLY B 148 13.76 -7.91 -3.36
CA GLY B 148 13.17 -6.76 -4.00
C GLY B 148 12.73 -5.76 -2.94
N LEU B 149 12.02 -4.74 -3.41
CA LEU B 149 11.58 -3.66 -2.53
C LEU B 149 10.33 -4.07 -1.78
N ILE B 150 10.35 -3.97 -0.45
CA ILE B 150 9.21 -4.36 0.39
C ILE B 150 8.64 -3.12 1.09
N GLN B 151 7.34 -2.89 0.88
CA GLN B 151 6.60 -1.89 1.67
C GLN B 151 6.26 -2.46 3.04
N ASN B 152 6.59 -1.70 4.10
CA ASN B 152 6.14 -2.10 5.44
C ASN B 152 4.74 -1.61 5.75
N GLY B 153 4.17 -0.73 4.92
CA GLY B 153 2.85 -0.19 5.15
C GLY B 153 2.79 0.99 6.10
N ASP B 154 3.92 1.39 6.67
CA ASP B 154 3.99 2.49 7.63
C ASP B 154 4.91 3.59 7.14
N TRP B 155 4.91 3.84 5.82
CA TRP B 155 5.74 4.87 5.19
C TRP B 155 7.23 4.57 5.30
N THR B 156 7.59 3.28 5.37
CA THR B 156 8.99 2.88 5.25
C THR B 156 9.07 1.64 4.39
N PHE B 157 10.27 1.40 3.87
CA PHE B 157 10.56 0.25 3.04
C PHE B 157 11.68 -0.54 3.67
N GLN B 158 11.82 -1.78 3.21
CA GLN B 158 13.02 -2.56 3.48
C GLN B 158 13.35 -3.41 2.27
N THR B 159 14.57 -3.95 2.28
CA THR B 159 15.02 -4.89 1.27
C THR B 159 16.21 -5.64 1.85
N LEU B 160 16.29 -6.94 1.55
CA LEU B 160 17.48 -7.75 1.81
C LEU B 160 18.15 -8.08 0.49
N VAL B 161 19.47 -7.89 0.44
CA VAL B 161 20.25 -8.17 -0.75
C VAL B 161 21.34 -9.16 -0.34
N MET B 162 21.27 -10.35 -0.89
CA MET B 162 22.12 -11.47 -0.49
C MET B 162 23.16 -11.80 -1.55
N LEU B 163 24.36 -12.12 -1.07
CA LEU B 163 25.48 -12.51 -1.92
C LEU B 163 25.83 -13.95 -1.57
N GLU B 164 25.71 -14.84 -2.54
CA GLU B 164 26.11 -16.23 -2.38
C GLU B 164 27.63 -16.29 -2.49
N THR B 165 28.29 -16.69 -1.41
CA THR B 165 29.75 -16.73 -1.45
C THR B 165 30.24 -17.65 -0.34
N VAL B 166 31.39 -18.28 -0.54
CA VAL B 166 32.09 -18.99 0.53
C VAL B 166 33.18 -18.05 1.06
N PRO B 167 33.00 -17.47 2.24
CA PRO B 167 33.98 -16.50 2.73
C PRO B 167 35.28 -17.16 3.13
N ARG B 168 36.39 -16.54 2.75
CA ARG B 168 37.72 -16.98 3.15
C ARG B 168 38.36 -15.94 4.06
N SER B 169 39.20 -16.41 4.98
CA SER B 169 39.99 -15.51 5.81
C SER B 169 40.75 -14.52 4.94
N GLY B 170 40.83 -13.27 5.39
CA GLY B 170 41.52 -12.27 4.61
C GLY B 170 40.70 -11.60 3.54
N GLU B 171 39.40 -11.91 3.46
CA GLU B 171 38.50 -11.21 2.55
C GLU B 171 37.68 -10.19 3.33
N VAL B 172 37.48 -9.03 2.73
CA VAL B 172 36.59 -8.01 3.27
C VAL B 172 35.42 -7.82 2.31
N TYR B 173 34.22 -7.96 2.84
CA TYR B 173 32.99 -7.83 2.07
C TYR B 173 32.32 -6.51 2.41
N THR B 174 31.91 -5.77 1.39
CA THR B 174 31.28 -4.47 1.59
C THR B 174 29.92 -4.43 0.92
N CYS B 175 28.88 -4.20 1.72
CA CYS B 175 27.58 -3.79 1.23
C CYS B 175 27.53 -2.26 1.15
N GLN B 176 27.20 -1.73 -0.03
CA GLN B 176 27.10 -0.30 -0.27
C GLN B 176 25.69 0.10 -0.69
N VAL B 177 25.13 1.12 0.00
CA VAL B 177 23.74 1.54 -0.16
C VAL B 177 23.70 2.99 -0.61
N GLU B 178 22.99 3.26 -1.71
CA GLU B 178 22.77 4.61 -2.21
C GLU B 178 21.27 4.89 -2.22
N HIS B 179 20.90 6.08 -1.73
CA HIS B 179 19.50 6.39 -1.46
C HIS B 179 19.36 7.90 -1.45
N PRO B 180 18.22 8.44 -1.88
CA PRO B 180 18.06 9.90 -1.91
C PRO B 180 18.29 10.58 -0.57
N SER B 181 18.11 9.88 0.55
CA SER B 181 18.29 10.52 1.86
C SER B 181 19.75 10.66 2.25
N LEU B 182 20.67 10.09 1.48
CA LEU B 182 22.08 10.05 1.82
C LEU B 182 22.86 10.96 0.87
N THR B 183 23.87 11.63 1.42
CA THR B 183 24.69 12.50 0.59
C THR B 183 25.89 11.79 -0.02
N SER B 184 26.28 10.65 0.55
CA SER B 184 27.31 9.79 -0.01
C SER B 184 26.93 8.34 0.32
N PRO B 185 27.49 7.37 -0.41
CA PRO B 185 27.08 5.97 -0.18
C PRO B 185 27.33 5.54 1.25
N LEU B 186 26.33 4.87 1.81
CA LEU B 186 26.48 4.18 3.08
C LEU B 186 27.14 2.82 2.82
N THR B 187 28.21 2.51 3.57
CA THR B 187 28.90 1.23 3.45
C THR B 187 28.95 0.52 4.81
N VAL B 188 28.83 -0.81 4.76
CA VAL B 188 28.96 -1.67 5.92
C VAL B 188 29.83 -2.85 5.53
N GLU B 189 30.87 -3.10 6.30
CA GLU B 189 31.80 -4.16 5.98
C GLU B 189 31.57 -5.35 6.89
N TRP B 190 32.05 -6.50 6.42
CA TRP B 190 31.92 -7.77 7.11
C TRP B 190 33.19 -8.55 6.83
N ARG B 191 33.76 -9.15 7.88
CA ARG B 191 35.02 -9.88 7.77
C ARG B 191 34.82 -11.30 8.28
N ALA B 192 35.51 -12.24 7.62
CA ALA B 192 35.56 -13.62 8.09
C ALA B 192 36.76 -13.83 9.02
N ASP C 2 -3.45 24.48 4.39
CA ASP C 2 -3.22 23.28 5.20
C ASP C 2 -4.50 22.45 5.45
N ILE C 3 -5.58 22.78 4.76
CA ILE C 3 -6.82 22.02 4.82
C ILE C 3 -6.91 21.14 3.59
N PHE C 4 -7.05 19.83 3.81
CA PHE C 4 -7.25 18.89 2.71
C PHE C 4 -8.58 19.15 2.02
N GLU C 5 -8.58 19.11 0.69
CA GLU C 5 -9.82 19.22 -0.05
C GLU C 5 -10.24 17.86 -0.57
N ILE C 7 -12.63 15.76 -3.22
CA ILE C 7 -13.55 16.16 -4.30
C ILE C 7 -14.76 15.24 -4.29
N ALA C 8 -15.92 15.77 -4.70
CA ALA C 8 -17.12 14.96 -4.68
C ALA C 8 -17.08 13.89 -5.76
N SER C 9 -17.80 12.80 -5.53
CA SER C 9 -18.01 11.77 -6.52
C SER C 9 -19.28 12.07 -7.29
N GLU C 10 -19.24 11.84 -8.60
CA GLU C 10 -20.35 12.21 -9.46
C GLU C 10 -21.50 11.23 -9.29
N ALA C 11 -22.72 11.76 -9.25
CA ALA C 11 -23.91 10.95 -9.01
C ALA C 11 -24.51 10.52 -10.34
N SER C 12 -24.65 9.21 -10.53
CA SER C 12 -25.32 8.72 -11.74
C SER C 12 -26.80 9.07 -11.65
N LEU C 14 -30.70 7.82 -11.71
CA LEU C 14 -31.71 6.76 -11.60
C LEU C 14 -32.34 6.46 -12.95
#